data_1QZ7
#
_entry.id   1QZ7
#
_cell.length_a   85.141
_cell.length_b   75.041
_cell.length_c   101.398
_cell.angle_alpha   90.00
_cell.angle_beta   97.47
_cell.angle_gamma   90.00
#
_symmetry.space_group_name_H-M   'C 1 2 1'
#
loop_
_entity.id
_entity.type
_entity.pdbx_description
1 polymer Beta-catenin
2 polymer Axin
3 water water
#
loop_
_entity_poly.entity_id
_entity_poly.type
_entity_poly.pdbx_seq_one_letter_code
_entity_poly.pdbx_strand_id
1 'polypeptide(L)'
;KHAVVNLINYQDDAELATRAIPELTKLLNDEDQVVVNKAAVMVHQLSKKEASRHAIMRSPQMVSAIVRTMQNTNDVETAR
CTAGTLHNLSHHREGLLAIFKSGGIPALVKMLGSPVDSVLFYAITTLHNLLLHQEGAKMAVRLAGGLQKMVALLNKTNVK
FLAITTDCLQILAYGNQESKLIILASGGPQALVNIMRTYTYEKLLWTTSRVLKVLSVCSSNKPAIVEAGGMQALGLHLTD
PSQRLVQNCLWTLRNLSDAATKQEGMEGLLGTLVQLLGSDDINVVTCAAGILSNLTCNNYKNKMMVCQVGGIEALVRTVL
RAGDREDITEPAICALRHLTSRHQEAEMAQNAVRLHYGLPVVVKLLHPPSHWPLIKATVGLIRNLALCPANHAPLREQGA
IPRLVQLLVRAHQDTQRRTSMGGTQQQFVEGVRMEEIVEGCTGALHILARDVHNRIVIRGLNTIPLFVQLLYSPIENIQR
VAAGVLCELAQDKEAAEAIEAEGATAPLTELLHSRNEGVATYAAAVLFRMSED
;
A
2 'polypeptide(L)' SHKLPSGPPMHHFNSRYSETGCVGMQIRDAHEENPESILDEHVQRVMKTPGCQSPGTGRHSPKSRSPDGH B
#
# COMPACT_ATOMS: atom_id res chain seq x y z
N TYR A 10 18.53 -53.11 -9.94
CA TYR A 10 18.71 -51.73 -10.35
C TYR A 10 19.75 -51.69 -11.47
N GLN A 11 20.65 -52.67 -11.46
CA GLN A 11 21.71 -52.78 -12.45
C GLN A 11 21.17 -53.04 -13.86
N ASP A 12 19.87 -53.29 -13.96
CA ASP A 12 19.24 -53.53 -15.25
C ASP A 12 18.17 -52.49 -15.56
N ASP A 13 18.02 -51.51 -14.68
CA ASP A 13 17.06 -50.43 -14.87
C ASP A 13 17.65 -49.41 -15.82
N ALA A 14 18.83 -48.89 -15.46
CA ALA A 14 19.52 -47.91 -16.29
C ALA A 14 20.21 -48.61 -17.45
N GLU A 15 19.74 -49.80 -17.78
CA GLU A 15 20.31 -50.59 -18.88
C GLU A 15 19.22 -51.18 -19.77
N LEU A 16 18.17 -51.72 -19.14
CA LEU A 16 17.07 -52.31 -19.90
C LEU A 16 16.00 -51.26 -20.18
N ALA A 17 15.69 -50.43 -19.19
CA ALA A 17 14.70 -49.38 -19.35
C ALA A 17 15.19 -48.44 -20.46
N THR A 18 16.50 -48.27 -20.54
CA THR A 18 17.11 -47.43 -21.55
C THR A 18 16.77 -48.03 -22.92
N ARG A 19 16.88 -49.35 -23.00
CA ARG A 19 16.58 -50.07 -24.24
C ARG A 19 15.05 -50.22 -24.35
N ALA A 20 14.35 -49.81 -23.31
CA ALA A 20 12.89 -49.88 -23.27
C ALA A 20 12.29 -48.52 -23.62
N ILE A 21 13.10 -47.47 -23.49
CA ILE A 21 12.64 -46.12 -23.80
C ILE A 21 12.16 -46.02 -25.24
N PRO A 22 13.00 -46.41 -26.21
CA PRO A 22 12.60 -46.33 -27.61
C PRO A 22 11.33 -47.16 -27.87
N GLU A 23 11.11 -48.15 -27.01
CA GLU A 23 9.96 -49.04 -27.12
C GLU A 23 8.66 -48.30 -26.84
N LEU A 24 8.43 -47.97 -25.57
CA LEU A 24 7.23 -47.27 -25.16
C LEU A 24 7.03 -45.98 -25.93
N THR A 25 8.12 -45.37 -26.37
CA THR A 25 8.05 -44.14 -27.13
C THR A 25 7.37 -44.41 -28.47
N LYS A 26 7.53 -45.64 -28.97
CA LYS A 26 6.92 -46.04 -30.23
C LYS A 26 5.41 -46.21 -30.05
N LEU A 27 5.02 -46.73 -28.89
CA LEU A 27 3.60 -46.96 -28.61
C LEU A 27 2.82 -45.67 -28.39
N LEU A 28 3.45 -44.69 -27.75
CA LEU A 28 2.80 -43.40 -27.48
C LEU A 28 2.44 -42.66 -28.77
N ASN A 29 3.01 -43.09 -29.88
CA ASN A 29 2.75 -42.45 -31.17
C ASN A 29 1.89 -43.36 -32.05
N ASP A 30 1.37 -44.42 -31.46
CA ASP A 30 0.53 -45.38 -32.16
C ASP A 30 -0.81 -44.74 -32.54
N GLU A 31 -1.35 -45.13 -33.70
CA GLU A 31 -2.62 -44.58 -34.18
C GLU A 31 -3.83 -45.24 -33.51
N ASP A 32 -3.61 -46.41 -32.90
CA ASP A 32 -4.67 -47.14 -32.23
C ASP A 32 -5.00 -46.57 -30.85
N GLN A 33 -6.12 -45.86 -30.77
CA GLN A 33 -6.55 -45.25 -29.52
C GLN A 33 -7.06 -46.28 -28.52
N VAL A 34 -6.23 -47.27 -28.23
CA VAL A 34 -6.58 -48.33 -27.28
C VAL A 34 -5.34 -48.86 -26.58
N VAL A 35 -4.24 -48.98 -27.33
CA VAL A 35 -2.98 -49.48 -26.77
C VAL A 35 -2.09 -48.32 -26.35
N VAL A 36 -2.35 -47.14 -26.92
CA VAL A 36 -1.58 -45.96 -26.59
C VAL A 36 -1.78 -45.69 -25.10
N ASN A 37 -2.89 -46.21 -24.58
CA ASN A 37 -3.24 -46.07 -23.17
C ASN A 37 -2.36 -47.01 -22.35
N LYS A 38 -2.04 -48.17 -22.91
CA LYS A 38 -1.21 -49.16 -22.24
C LYS A 38 0.17 -48.59 -21.91
N ALA A 39 0.79 -47.97 -22.91
CA ALA A 39 2.11 -47.37 -22.72
C ALA A 39 2.03 -46.25 -21.68
N ALA A 40 1.02 -45.40 -21.82
CA ALA A 40 0.82 -44.28 -20.90
C ALA A 40 0.93 -44.73 -19.45
N VAL A 41 0.39 -45.92 -19.16
CA VAL A 41 0.44 -46.46 -17.81
C VAL A 41 1.86 -46.87 -17.46
N MET A 42 2.47 -47.66 -18.33
CA MET A 42 3.83 -48.12 -18.13
C MET A 42 4.79 -46.94 -18.01
N VAL A 43 4.64 -45.97 -18.92
CA VAL A 43 5.48 -44.78 -18.91
C VAL A 43 5.36 -44.08 -17.55
N HIS A 44 4.13 -43.98 -17.05
CA HIS A 44 3.88 -43.34 -15.77
C HIS A 44 4.62 -44.10 -14.67
N GLN A 45 4.65 -45.42 -14.78
CA GLN A 45 5.33 -46.28 -13.83
C GLN A 45 6.82 -45.99 -13.91
N LEU A 46 7.31 -45.79 -15.13
CA LEU A 46 8.72 -45.50 -15.37
C LEU A 46 9.02 -44.05 -14.97
N SER A 47 8.26 -43.55 -14.01
CA SER A 47 8.44 -42.19 -13.52
C SER A 47 8.53 -42.22 -12.00
N LYS A 48 8.50 -43.43 -11.44
CA LYS A 48 8.55 -43.61 -9.99
C LYS A 48 9.90 -44.19 -9.55
N LYS A 49 10.67 -44.69 -10.51
CA LYS A 49 11.98 -45.27 -10.22
C LYS A 49 13.12 -44.29 -10.48
N GLU A 50 14.14 -44.35 -9.63
CA GLU A 50 15.30 -43.48 -9.74
C GLU A 50 15.89 -43.50 -11.15
N ALA A 51 15.91 -44.70 -11.76
CA ALA A 51 16.46 -44.88 -13.10
C ALA A 51 15.48 -44.45 -14.20
N SER A 52 14.40 -45.23 -14.36
CA SER A 52 13.39 -44.96 -15.37
C SER A 52 13.04 -43.47 -15.43
N ARG A 53 13.02 -42.83 -14.28
CA ARG A 53 12.71 -41.41 -14.18
C ARG A 53 13.74 -40.65 -15.01
N HIS A 54 15.01 -40.84 -14.68
CA HIS A 54 16.09 -40.18 -15.38
C HIS A 54 16.27 -40.77 -16.78
N ALA A 55 15.59 -41.87 -17.04
CA ALA A 55 15.64 -42.50 -18.36
C ALA A 55 14.79 -41.70 -19.32
N ILE A 56 13.52 -41.54 -18.99
CA ILE A 56 12.57 -40.79 -19.80
C ILE A 56 12.96 -39.32 -19.81
N MET A 57 13.15 -38.78 -18.61
CA MET A 57 13.52 -37.38 -18.42
C MET A 57 14.69 -37.00 -19.33
N ARG A 58 15.65 -37.90 -19.47
CA ARG A 58 16.82 -37.66 -20.31
C ARG A 58 16.64 -38.16 -21.74
N SER A 59 15.45 -38.65 -22.03
CA SER A 59 15.13 -39.15 -23.36
C SER A 59 14.21 -38.15 -24.06
N PRO A 60 14.80 -37.13 -24.71
CA PRO A 60 14.04 -36.10 -25.42
C PRO A 60 12.88 -36.67 -26.23
N GLN A 61 13.09 -37.85 -26.80
CA GLN A 61 12.08 -38.50 -27.61
C GLN A 61 10.81 -38.74 -26.79
N MET A 62 11.00 -39.25 -25.58
CA MET A 62 9.90 -39.53 -24.65
C MET A 62 9.12 -38.28 -24.31
N VAL A 63 9.77 -37.38 -23.57
CA VAL A 63 9.15 -36.13 -23.16
C VAL A 63 8.24 -35.53 -24.21
N SER A 64 8.73 -35.45 -25.45
CA SER A 64 7.96 -34.88 -26.54
C SER A 64 6.65 -35.63 -26.80
N ALA A 65 6.73 -36.94 -26.95
CA ALA A 65 5.55 -37.76 -27.20
C ALA A 65 4.58 -37.67 -26.03
N ILE A 66 5.09 -37.89 -24.82
CA ILE A 66 4.29 -37.84 -23.61
C ILE A 66 3.43 -36.57 -23.60
N VAL A 67 4.07 -35.43 -23.84
CA VAL A 67 3.40 -34.14 -23.85
C VAL A 67 2.34 -34.08 -24.96
N ARG A 68 2.71 -34.50 -26.16
CA ARG A 68 1.77 -34.49 -27.28
C ARG A 68 0.55 -35.36 -26.98
N THR A 69 0.79 -36.49 -26.33
CA THR A 69 -0.28 -37.42 -25.98
C THR A 69 -1.31 -36.73 -25.07
N MET A 70 -0.84 -36.34 -23.88
CA MET A 70 -1.67 -35.68 -22.89
C MET A 70 -2.71 -34.74 -23.48
N GLN A 71 -2.25 -33.71 -24.19
CA GLN A 71 -3.13 -32.72 -24.80
C GLN A 71 -4.09 -33.26 -25.84
N ASN A 72 -3.60 -34.15 -26.70
CA ASN A 72 -4.43 -34.73 -27.76
C ASN A 72 -5.50 -35.70 -27.26
N THR A 73 -5.07 -36.80 -26.67
CA THR A 73 -6.03 -37.78 -26.16
C THR A 73 -6.95 -37.18 -25.11
N ASN A 74 -8.23 -37.05 -25.44
CA ASN A 74 -9.19 -36.49 -24.50
C ASN A 74 -9.62 -37.63 -23.56
N ASP A 75 -9.19 -38.85 -23.86
CA ASP A 75 -9.51 -40.01 -23.04
C ASP A 75 -9.23 -39.67 -21.59
N VAL A 76 -10.30 -39.57 -20.81
CA VAL A 76 -10.21 -39.23 -19.39
C VAL A 76 -9.52 -40.32 -18.55
N GLU A 77 -8.44 -40.89 -19.09
CA GLU A 77 -7.72 -41.94 -18.38
C GLU A 77 -6.22 -41.91 -18.71
N THR A 78 -5.90 -41.56 -19.95
CA THR A 78 -4.51 -41.47 -20.40
C THR A 78 -4.03 -40.06 -20.11
N ALA A 79 -4.98 -39.12 -20.07
CA ALA A 79 -4.69 -37.73 -19.80
C ALA A 79 -3.99 -37.56 -18.45
N ARG A 80 -4.32 -38.44 -17.51
CA ARG A 80 -3.72 -38.36 -16.19
C ARG A 80 -2.39 -39.11 -16.11
N CYS A 81 -2.28 -40.20 -16.85
CA CYS A 81 -1.04 -40.98 -16.85
C CYS A 81 0.08 -40.10 -17.40
N THR A 82 -0.20 -39.41 -18.49
CA THR A 82 0.78 -38.52 -19.10
C THR A 82 1.04 -37.34 -18.19
N ALA A 83 -0.02 -36.62 -17.83
CA ALA A 83 0.10 -35.47 -16.95
C ALA A 83 0.83 -35.87 -15.69
N GLY A 84 0.55 -37.09 -15.21
CA GLY A 84 1.20 -37.58 -14.01
C GLY A 84 2.68 -37.86 -14.21
N THR A 85 3.08 -38.06 -15.46
CA THR A 85 4.48 -38.32 -15.77
C THR A 85 5.30 -37.03 -15.67
N LEU A 86 4.87 -36.01 -16.40
CA LEU A 86 5.54 -34.71 -16.40
C LEU A 86 5.74 -34.18 -14.98
N HIS A 87 4.73 -34.36 -14.14
CA HIS A 87 4.78 -33.89 -12.76
C HIS A 87 5.88 -34.54 -11.93
N ASN A 88 6.15 -35.81 -12.19
CA ASN A 88 7.18 -36.52 -11.46
C ASN A 88 8.56 -36.04 -11.91
N LEU A 89 8.63 -35.59 -13.16
CA LEU A 89 9.88 -35.10 -13.73
C LEU A 89 10.19 -33.70 -13.22
N SER A 90 9.13 -32.91 -13.02
CA SER A 90 9.28 -31.54 -12.55
C SER A 90 9.87 -31.41 -11.14
N HIS A 91 10.15 -32.54 -10.51
CA HIS A 91 10.74 -32.53 -9.18
C HIS A 91 12.26 -32.53 -9.32
N HIS A 92 12.71 -32.51 -10.57
CA HIS A 92 14.14 -32.52 -10.88
C HIS A 92 14.44 -31.45 -11.93
N ARG A 93 15.54 -30.73 -11.74
CA ARG A 93 15.93 -29.68 -12.67
C ARG A 93 16.00 -30.19 -14.11
N GLU A 94 16.57 -31.37 -14.28
CA GLU A 94 16.69 -31.95 -15.60
C GLU A 94 15.29 -32.11 -16.18
N GLY A 95 14.36 -32.49 -15.32
CA GLY A 95 12.98 -32.66 -15.74
C GLY A 95 12.34 -31.35 -16.16
N LEU A 96 12.44 -30.34 -15.31
CA LEU A 96 11.87 -29.03 -15.60
C LEU A 96 12.35 -28.55 -16.97
N LEU A 97 13.66 -28.57 -17.17
CA LEU A 97 14.26 -28.15 -18.43
C LEU A 97 13.75 -28.99 -19.59
N ALA A 98 13.76 -30.31 -19.41
CA ALA A 98 13.29 -31.24 -20.44
C ALA A 98 11.85 -30.94 -20.83
N ILE A 99 10.99 -30.72 -19.82
CA ILE A 99 9.59 -30.42 -20.06
C ILE A 99 9.45 -29.09 -20.80
N PHE A 100 10.29 -28.13 -20.43
CA PHE A 100 10.26 -26.81 -21.04
C PHE A 100 10.61 -26.82 -22.53
N LYS A 101 11.62 -27.62 -22.89
CA LYS A 101 12.06 -27.71 -24.28
C LYS A 101 11.06 -28.39 -25.21
N SER A 102 10.35 -29.39 -24.71
CA SER A 102 9.38 -30.12 -25.53
C SER A 102 8.09 -29.33 -25.74
N GLY A 103 7.98 -28.18 -25.08
CA GLY A 103 6.79 -27.37 -25.22
C GLY A 103 5.64 -27.91 -24.36
N GLY A 104 5.99 -28.39 -23.18
CA GLY A 104 4.98 -28.93 -22.28
C GLY A 104 4.11 -27.86 -21.65
N ILE A 105 4.68 -26.67 -21.46
CA ILE A 105 3.94 -25.56 -20.85
C ILE A 105 2.63 -25.21 -21.56
N PRO A 106 2.67 -25.01 -22.90
CA PRO A 106 1.43 -24.68 -23.60
C PRO A 106 0.41 -25.82 -23.46
N ALA A 107 0.92 -27.03 -23.32
CA ALA A 107 0.08 -28.20 -23.16
C ALA A 107 -0.53 -28.20 -21.77
N LEU A 108 0.33 -28.14 -20.75
CA LEU A 108 -0.12 -28.12 -19.38
C LEU A 108 -1.17 -27.03 -19.18
N VAL A 109 -1.00 -25.90 -19.85
CA VAL A 109 -1.95 -24.80 -19.74
C VAL A 109 -3.28 -25.21 -20.37
N LYS A 110 -3.21 -26.05 -21.41
CA LYS A 110 -4.41 -26.52 -22.07
C LYS A 110 -5.17 -27.43 -21.11
N MET A 111 -4.42 -28.21 -20.35
CA MET A 111 -5.00 -29.15 -19.40
C MET A 111 -5.62 -28.47 -18.18
N LEU A 112 -5.40 -27.17 -18.03
CA LEU A 112 -5.97 -26.46 -16.90
C LEU A 112 -7.48 -26.37 -17.08
N GLY A 113 -7.93 -26.70 -18.30
CA GLY A 113 -9.35 -26.66 -18.60
C GLY A 113 -10.00 -28.03 -18.44
N SER A 114 -9.20 -29.02 -18.05
CA SER A 114 -9.67 -30.38 -17.86
C SER A 114 -10.70 -30.55 -16.74
N PRO A 115 -11.78 -31.29 -17.02
CA PRO A 115 -12.83 -31.53 -16.01
C PRO A 115 -12.46 -32.70 -15.10
N VAL A 116 -11.25 -33.22 -15.26
CA VAL A 116 -10.76 -34.33 -14.45
C VAL A 116 -9.82 -33.81 -13.37
N ASP A 117 -10.36 -33.48 -12.19
CA ASP A 117 -9.57 -32.95 -11.09
C ASP A 117 -8.11 -33.42 -10.99
N SER A 118 -7.89 -34.73 -11.12
CA SER A 118 -6.53 -35.26 -11.03
C SER A 118 -5.62 -34.67 -12.09
N VAL A 119 -6.17 -34.40 -13.27
CA VAL A 119 -5.39 -33.83 -14.37
C VAL A 119 -5.17 -32.35 -14.05
N LEU A 120 -6.24 -31.69 -13.62
CA LEU A 120 -6.20 -30.29 -13.28
C LEU A 120 -5.09 -30.08 -12.25
N PHE A 121 -5.11 -30.88 -11.19
CA PHE A 121 -4.12 -30.78 -10.14
C PHE A 121 -2.71 -31.06 -10.63
N TYR A 122 -2.57 -32.01 -11.55
CA TYR A 122 -1.27 -32.34 -12.11
C TYR A 122 -0.73 -31.17 -12.93
N ALA A 123 -1.65 -30.46 -13.57
CA ALA A 123 -1.30 -29.31 -14.40
C ALA A 123 -0.83 -28.10 -13.59
N ILE A 124 -1.64 -27.65 -12.65
CA ILE A 124 -1.30 -26.49 -11.83
C ILE A 124 -0.06 -26.67 -10.94
N THR A 125 0.18 -27.89 -10.49
CA THR A 125 1.34 -28.18 -9.64
C THR A 125 2.64 -28.20 -10.43
N THR A 126 2.56 -28.71 -11.67
CA THR A 126 3.72 -28.80 -12.54
C THR A 126 4.10 -27.40 -13.00
N LEU A 127 3.11 -26.64 -13.44
CA LEU A 127 3.32 -25.26 -13.89
C LEU A 127 3.93 -24.45 -12.75
N HIS A 128 3.50 -24.76 -11.53
CA HIS A 128 4.01 -24.07 -10.35
C HIS A 128 5.51 -24.35 -10.19
N ASN A 129 5.90 -25.60 -10.40
CA ASN A 129 7.31 -26.00 -10.30
C ASN A 129 8.13 -25.31 -11.39
N LEU A 130 7.58 -25.21 -12.59
CA LEU A 130 8.26 -24.57 -13.70
C LEU A 130 8.43 -23.08 -13.44
N LEU A 131 7.39 -22.46 -12.88
CA LEU A 131 7.44 -21.04 -12.59
C LEU A 131 8.29 -20.76 -11.37
N LEU A 132 8.61 -21.80 -10.60
CA LEU A 132 9.41 -21.64 -9.41
C LEU A 132 10.90 -21.90 -9.60
N HIS A 133 11.25 -22.77 -10.55
CA HIS A 133 12.65 -23.10 -10.74
C HIS A 133 13.16 -23.19 -12.18
N GLN A 134 12.30 -22.85 -13.14
CA GLN A 134 12.72 -22.91 -14.54
C GLN A 134 12.68 -21.53 -15.19
N GLU A 135 13.86 -21.04 -15.55
CA GLU A 135 13.98 -19.74 -16.20
C GLU A 135 13.32 -19.82 -17.57
N GLY A 136 12.51 -18.82 -17.90
CA GLY A 136 11.83 -18.81 -19.18
C GLY A 136 10.38 -19.24 -19.06
N ALA A 137 10.05 -19.88 -17.95
CA ALA A 137 8.69 -20.35 -17.71
C ALA A 137 7.69 -19.20 -17.70
N LYS A 138 8.06 -18.09 -17.05
CA LYS A 138 7.17 -16.93 -16.97
C LYS A 138 6.66 -16.50 -18.34
N MET A 139 7.59 -16.38 -19.30
CA MET A 139 7.23 -15.98 -20.65
C MET A 139 6.25 -16.97 -21.27
N ALA A 140 6.63 -18.24 -21.24
CA ALA A 140 5.81 -19.30 -21.82
C ALA A 140 4.38 -19.33 -21.27
N VAL A 141 4.25 -19.33 -19.95
CA VAL A 141 2.92 -19.35 -19.34
C VAL A 141 2.11 -18.16 -19.81
N ARG A 142 2.74 -16.98 -19.81
CA ARG A 142 2.05 -15.78 -20.26
C ARG A 142 1.65 -15.96 -21.73
N LEU A 143 2.59 -16.47 -22.51
CA LEU A 143 2.39 -16.71 -23.94
C LEU A 143 1.18 -17.61 -24.21
N ALA A 144 1.12 -18.74 -23.51
CA ALA A 144 0.03 -19.68 -23.68
C ALA A 144 -1.30 -19.14 -23.14
N GLY A 145 -1.24 -18.03 -22.44
CA GLY A 145 -2.45 -17.45 -21.89
C GLY A 145 -2.87 -18.13 -20.59
N GLY A 146 -1.88 -18.47 -19.76
CA GLY A 146 -2.17 -19.12 -18.48
C GLY A 146 -2.80 -18.15 -17.49
N LEU A 147 -2.49 -16.87 -17.65
CA LEU A 147 -3.03 -15.83 -16.76
C LEU A 147 -4.55 -15.86 -16.70
N GLN A 148 -5.19 -15.60 -17.82
CA GLN A 148 -6.65 -15.59 -17.88
C GLN A 148 -7.22 -16.93 -17.43
N LYS A 149 -6.49 -18.00 -17.72
CA LYS A 149 -6.90 -19.34 -17.34
C LYS A 149 -6.94 -19.43 -15.81
N MET A 150 -5.82 -19.06 -15.19
CA MET A 150 -5.70 -19.11 -13.74
C MET A 150 -6.72 -18.23 -13.03
N VAL A 151 -7.05 -17.08 -13.62
CA VAL A 151 -8.03 -16.18 -13.03
C VAL A 151 -9.41 -16.83 -13.08
N ALA A 152 -9.66 -17.56 -14.16
CA ALA A 152 -10.93 -18.25 -14.35
C ALA A 152 -11.09 -19.35 -13.30
N LEU A 153 -10.00 -20.04 -12.99
CA LEU A 153 -10.01 -21.13 -12.02
C LEU A 153 -10.19 -20.69 -10.57
N LEU A 154 -10.19 -19.39 -10.33
CA LEU A 154 -10.37 -18.90 -8.97
C LEU A 154 -11.81 -19.08 -8.52
N ASN A 155 -12.61 -19.75 -9.35
CA ASN A 155 -14.00 -20.01 -9.03
C ASN A 155 -14.13 -21.40 -8.41
N LYS A 156 -13.02 -22.12 -8.33
CA LYS A 156 -13.01 -23.45 -7.73
C LYS A 156 -13.07 -23.29 -6.21
N THR A 157 -13.23 -24.40 -5.50
CA THR A 157 -13.34 -24.34 -4.05
C THR A 157 -12.35 -25.20 -3.25
N ASN A 158 -11.51 -25.98 -3.92
CA ASN A 158 -10.53 -26.77 -3.19
C ASN A 158 -9.48 -25.74 -2.76
N VAL A 159 -9.27 -25.58 -1.45
CA VAL A 159 -8.34 -24.58 -0.96
C VAL A 159 -6.85 -24.78 -1.25
N LYS A 160 -6.38 -26.02 -1.24
CA LYS A 160 -4.96 -26.24 -1.54
C LYS A 160 -4.71 -25.91 -3.00
N PHE A 161 -5.71 -26.18 -3.84
CA PHE A 161 -5.62 -25.90 -5.25
C PHE A 161 -5.53 -24.40 -5.47
N LEU A 162 -6.41 -23.66 -4.80
CA LEU A 162 -6.43 -22.20 -4.93
C LEU A 162 -5.13 -21.57 -4.45
N ALA A 163 -4.53 -22.15 -3.40
CA ALA A 163 -3.28 -21.63 -2.84
C ALA A 163 -2.17 -21.74 -3.87
N ILE A 164 -2.16 -22.86 -4.58
CA ILE A 164 -1.17 -23.12 -5.62
C ILE A 164 -1.41 -22.15 -6.77
N THR A 165 -2.66 -22.07 -7.22
CA THR A 165 -3.03 -21.19 -8.32
C THR A 165 -2.70 -19.73 -8.03
N THR A 166 -3.07 -19.23 -6.85
CA THR A 166 -2.80 -17.84 -6.50
C THR A 166 -1.31 -17.58 -6.34
N ASP A 167 -0.54 -18.62 -6.02
CA ASP A 167 0.89 -18.41 -5.86
C ASP A 167 1.49 -18.24 -7.25
N CYS A 168 0.96 -19.00 -8.21
CA CYS A 168 1.44 -18.89 -9.58
C CYS A 168 1.18 -17.46 -10.05
N LEU A 169 -0.04 -16.99 -9.84
CA LEU A 169 -0.40 -15.63 -10.25
C LEU A 169 0.51 -14.59 -9.60
N GLN A 170 0.98 -14.87 -8.39
CA GLN A 170 1.85 -13.95 -7.69
C GLN A 170 3.22 -13.92 -8.37
N ILE A 171 3.69 -15.11 -8.75
CA ILE A 171 4.97 -15.25 -9.43
C ILE A 171 4.97 -14.55 -10.78
N LEU A 172 3.89 -14.73 -11.54
CA LEU A 172 3.75 -14.13 -12.86
C LEU A 172 3.50 -12.62 -12.84
N ALA A 173 2.82 -12.14 -11.82
CA ALA A 173 2.49 -10.73 -11.71
C ALA A 173 3.63 -9.85 -11.18
N TYR A 174 4.36 -10.37 -10.20
CA TYR A 174 5.46 -9.63 -9.58
C TYR A 174 6.30 -8.80 -10.56
N GLY A 175 6.23 -7.48 -10.40
CA GLY A 175 6.99 -6.57 -11.23
C GLY A 175 6.76 -6.63 -12.74
N ASN A 176 5.53 -6.86 -13.16
CA ASN A 176 5.21 -6.93 -14.59
C ASN A 176 3.81 -6.37 -14.83
N GLN A 177 3.73 -5.20 -15.45
CA GLN A 177 2.44 -4.59 -15.70
C GLN A 177 1.63 -5.31 -16.78
N GLU A 178 2.31 -6.08 -17.62
CA GLU A 178 1.62 -6.82 -18.67
C GLU A 178 0.66 -7.80 -18.01
N SER A 179 1.21 -8.62 -17.12
CA SER A 179 0.43 -9.61 -16.40
C SER A 179 -0.66 -8.93 -15.58
N LYS A 180 -0.28 -7.90 -14.84
CA LYS A 180 -1.21 -7.15 -14.00
C LYS A 180 -2.41 -6.61 -14.77
N LEU A 181 -2.15 -6.08 -15.95
CA LEU A 181 -3.23 -5.54 -16.78
C LEU A 181 -4.20 -6.64 -17.15
N ILE A 182 -3.64 -7.77 -17.59
CA ILE A 182 -4.46 -8.89 -17.99
C ILE A 182 -5.26 -9.45 -16.81
N ILE A 183 -4.62 -9.53 -15.64
CA ILE A 183 -5.31 -10.02 -14.46
C ILE A 183 -6.52 -9.13 -14.21
N LEU A 184 -6.31 -7.83 -14.27
CA LEU A 184 -7.39 -6.87 -14.06
C LEU A 184 -8.52 -7.11 -15.05
N ALA A 185 -8.20 -7.13 -16.33
CA ALA A 185 -9.20 -7.34 -17.38
C ALA A 185 -9.96 -8.66 -17.17
N SER A 186 -9.28 -9.64 -16.59
CA SER A 186 -9.90 -10.95 -16.33
C SER A 186 -10.78 -10.96 -15.09
N GLY A 187 -10.93 -9.80 -14.45
CA GLY A 187 -11.74 -9.72 -13.24
C GLY A 187 -11.04 -10.30 -12.03
N GLY A 188 -9.72 -10.38 -12.09
CA GLY A 188 -8.93 -10.93 -10.99
C GLY A 188 -9.16 -10.26 -9.64
N PRO A 189 -9.06 -8.92 -9.55
CA PRO A 189 -9.27 -8.21 -8.29
C PRO A 189 -10.50 -8.66 -7.51
N GLN A 190 -11.66 -8.62 -8.17
CA GLN A 190 -12.91 -9.03 -7.51
C GLN A 190 -12.86 -10.49 -7.06
N ALA A 191 -12.23 -11.35 -7.87
CA ALA A 191 -12.13 -12.76 -7.50
C ALA A 191 -11.24 -12.93 -6.28
N LEU A 192 -10.09 -12.24 -6.31
CA LEU A 192 -9.14 -12.29 -5.20
C LEU A 192 -9.77 -11.78 -3.91
N VAL A 193 -10.51 -10.68 -3.99
CA VAL A 193 -11.16 -10.14 -2.80
C VAL A 193 -12.19 -11.16 -2.29
N ASN A 194 -12.86 -11.85 -3.21
CA ASN A 194 -13.87 -12.85 -2.82
C ASN A 194 -13.22 -13.95 -1.98
N ILE A 195 -12.04 -14.39 -2.38
CA ILE A 195 -11.34 -15.41 -1.62
C ILE A 195 -11.04 -14.93 -0.20
N MET A 196 -10.53 -13.70 -0.07
CA MET A 196 -10.21 -13.16 1.25
C MET A 196 -11.40 -13.09 2.20
N ARG A 197 -12.60 -12.92 1.66
CA ARG A 197 -13.76 -12.83 2.54
C ARG A 197 -14.53 -14.14 2.67
N THR A 198 -14.00 -15.20 2.08
CA THR A 198 -14.67 -16.50 2.13
C THR A 198 -13.93 -17.63 2.86
N TYR A 199 -12.65 -17.80 2.56
CA TYR A 199 -11.91 -18.91 3.17
C TYR A 199 -11.12 -18.59 4.44
N THR A 200 -10.73 -19.65 5.16
CA THR A 200 -9.97 -19.51 6.40
C THR A 200 -8.65 -20.27 6.39
N TYR A 201 -8.35 -20.96 5.29
CA TYR A 201 -7.11 -21.72 5.17
C TYR A 201 -5.95 -20.72 5.14
N GLU A 202 -5.23 -20.64 6.24
CA GLU A 202 -4.09 -19.71 6.40
C GLU A 202 -3.20 -19.56 5.17
N LYS A 203 -2.69 -20.66 4.64
CA LYS A 203 -1.82 -20.60 3.47
C LYS A 203 -2.48 -19.89 2.29
N LEU A 204 -3.76 -20.18 2.06
CA LEU A 204 -4.48 -19.56 0.94
C LEU A 204 -4.66 -18.05 1.13
N LEU A 205 -5.05 -17.65 2.33
CA LEU A 205 -5.25 -16.23 2.60
C LEU A 205 -3.91 -15.50 2.41
N TRP A 206 -2.85 -16.10 2.93
CA TRP A 206 -1.50 -15.52 2.81
C TRP A 206 -1.07 -15.35 1.36
N THR A 207 -1.14 -16.42 0.58
CA THR A 207 -0.76 -16.38 -0.82
C THR A 207 -1.62 -15.40 -1.62
N THR A 208 -2.90 -15.31 -1.28
CA THR A 208 -3.79 -14.40 -1.99
C THR A 208 -3.47 -12.96 -1.61
N SER A 209 -3.15 -12.73 -0.34
CA SER A 209 -2.82 -11.39 0.12
C SER A 209 -1.55 -10.92 -0.56
N ARG A 210 -0.70 -11.86 -0.97
CA ARG A 210 0.54 -11.53 -1.66
C ARG A 210 0.26 -11.08 -3.09
N VAL A 211 -0.72 -11.70 -3.74
CA VAL A 211 -1.07 -11.29 -5.10
C VAL A 211 -1.64 -9.88 -5.03
N LEU A 212 -2.49 -9.64 -4.02
CA LEU A 212 -3.11 -8.34 -3.85
C LEU A 212 -2.09 -7.26 -3.53
N LYS A 213 -1.07 -7.63 -2.75
CA LYS A 213 -0.02 -6.70 -2.37
C LYS A 213 0.69 -6.24 -3.64
N VAL A 214 0.99 -7.19 -4.52
CA VAL A 214 1.66 -6.92 -5.78
C VAL A 214 0.82 -6.03 -6.69
N LEU A 215 -0.49 -6.31 -6.76
CA LEU A 215 -1.37 -5.52 -7.59
C LEU A 215 -1.68 -4.15 -7.01
N SER A 216 -1.61 -4.02 -5.68
CA SER A 216 -1.92 -2.75 -5.02
C SER A 216 -0.93 -1.63 -5.31
N VAL A 217 0.26 -1.99 -5.78
CA VAL A 217 1.24 -0.95 -6.10
C VAL A 217 1.04 -0.51 -7.55
N CYS A 218 0.02 -1.07 -8.18
CA CYS A 218 -0.34 -0.74 -9.57
C CYS A 218 -1.35 0.40 -9.58
N SER A 219 -1.28 1.24 -10.60
CA SER A 219 -2.19 2.37 -10.71
C SER A 219 -3.59 1.96 -11.14
N SER A 220 -3.69 1.09 -12.14
CA SER A 220 -4.99 0.63 -12.63
C SER A 220 -5.65 -0.41 -11.74
N ASN A 221 -4.85 -1.23 -11.07
CA ASN A 221 -5.39 -2.28 -10.20
C ASN A 221 -5.86 -1.71 -8.86
N LYS A 222 -5.23 -0.64 -8.40
CA LYS A 222 -5.57 -0.02 -7.13
C LYS A 222 -7.06 0.34 -7.01
N PRO A 223 -7.55 1.25 -7.86
CA PRO A 223 -8.97 1.60 -7.76
C PRO A 223 -9.92 0.42 -7.98
N ALA A 224 -9.45 -0.60 -8.70
CA ALA A 224 -10.27 -1.78 -8.97
C ALA A 224 -10.44 -2.62 -7.71
N ILE A 225 -9.33 -2.84 -7.01
CA ILE A 225 -9.36 -3.61 -5.77
C ILE A 225 -10.22 -2.90 -4.74
N VAL A 226 -10.14 -1.58 -4.74
CA VAL A 226 -10.91 -0.77 -3.81
C VAL A 226 -12.40 -0.93 -4.09
N GLU A 227 -12.77 -0.81 -5.36
CA GLU A 227 -14.19 -0.93 -5.74
C GLU A 227 -14.72 -2.33 -5.44
N ALA A 228 -13.87 -3.34 -5.59
CA ALA A 228 -14.28 -4.72 -5.33
C ALA A 228 -14.53 -4.95 -3.84
N GLY A 229 -14.05 -4.03 -3.00
CA GLY A 229 -14.22 -4.17 -1.57
C GLY A 229 -12.98 -4.73 -0.89
N GLY A 230 -11.83 -4.54 -1.50
CA GLY A 230 -10.58 -5.04 -0.93
C GLY A 230 -10.23 -4.53 0.45
N MET A 231 -10.49 -3.25 0.71
CA MET A 231 -10.20 -2.66 2.02
C MET A 231 -10.88 -3.43 3.14
N GLN A 232 -12.21 -3.54 3.04
CA GLN A 232 -13.00 -4.25 4.02
C GLN A 232 -12.61 -5.72 4.19
N ALA A 233 -12.33 -6.40 3.08
CA ALA A 233 -11.94 -7.81 3.12
C ALA A 233 -10.59 -8.03 3.80
N LEU A 234 -9.60 -7.21 3.44
CA LEU A 234 -8.27 -7.33 4.05
C LEU A 234 -8.43 -7.05 5.54
N GLY A 235 -9.35 -6.15 5.87
CA GLY A 235 -9.59 -5.79 7.26
C GLY A 235 -10.15 -6.92 8.09
N LEU A 236 -10.67 -7.95 7.44
CA LEU A 236 -11.23 -9.09 8.16
C LEU A 236 -10.16 -9.97 8.81
N HIS A 237 -8.93 -9.90 8.32
CA HIS A 237 -7.87 -10.75 8.82
C HIS A 237 -6.79 -10.07 9.65
N LEU A 238 -7.04 -8.84 10.08
CA LEU A 238 -6.06 -8.11 10.87
C LEU A 238 -5.92 -8.70 12.27
N THR A 239 -6.92 -9.47 12.69
CA THR A 239 -6.93 -10.09 14.01
C THR A 239 -6.53 -11.56 13.97
N ASP A 240 -6.17 -12.06 12.79
CA ASP A 240 -5.76 -13.46 12.64
C ASP A 240 -4.45 -13.79 13.34
N PRO A 241 -4.36 -15.01 13.94
CA PRO A 241 -3.18 -15.49 14.66
C PRO A 241 -1.88 -15.42 13.85
N SER A 242 -2.00 -15.63 12.55
CA SER A 242 -0.85 -15.60 11.64
C SER A 242 -0.27 -14.20 11.46
N GLN A 243 0.99 -14.02 11.85
CA GLN A 243 1.65 -12.73 11.73
C GLN A 243 1.98 -12.35 10.29
N ARG A 244 2.34 -13.32 9.48
CA ARG A 244 2.67 -13.02 8.09
C ARG A 244 1.43 -12.62 7.30
N LEU A 245 0.26 -13.12 7.71
CA LEU A 245 -0.97 -12.77 7.02
C LEU A 245 -1.33 -11.35 7.38
N VAL A 246 -1.33 -11.08 8.69
CA VAL A 246 -1.65 -9.75 9.19
C VAL A 246 -0.75 -8.69 8.58
N GLN A 247 0.55 -8.96 8.54
CA GLN A 247 1.50 -7.99 8.00
C GLN A 247 1.34 -7.77 6.49
N ASN A 248 0.93 -8.80 5.77
CA ASN A 248 0.74 -8.64 4.33
C ASN A 248 -0.52 -7.84 4.04
N CYS A 249 -1.54 -8.02 4.87
CA CYS A 249 -2.79 -7.30 4.71
C CYS A 249 -2.53 -5.83 5.02
N LEU A 250 -1.69 -5.57 6.03
CA LEU A 250 -1.36 -4.19 6.42
C LEU A 250 -0.61 -3.45 5.31
N TRP A 251 0.38 -4.09 4.70
CA TRP A 251 1.14 -3.44 3.63
C TRP A 251 0.26 -3.14 2.44
N THR A 252 -0.56 -4.11 2.04
CA THR A 252 -1.46 -3.93 0.91
C THR A 252 -2.45 -2.82 1.24
N LEU A 253 -2.93 -2.81 2.49
CA LEU A 253 -3.89 -1.79 2.93
C LEU A 253 -3.30 -0.38 2.86
N ARG A 254 -2.05 -0.23 3.29
CA ARG A 254 -1.44 1.09 3.24
C ARG A 254 -1.34 1.56 1.79
N ASN A 255 -1.04 0.64 0.87
CA ASN A 255 -0.92 1.00 -0.54
C ASN A 255 -2.26 1.43 -1.15
N LEU A 256 -3.35 0.78 -0.76
CA LEU A 256 -4.66 1.12 -1.29
C LEU A 256 -5.32 2.32 -0.60
N SER A 257 -4.93 2.57 0.65
CA SER A 257 -5.52 3.65 1.44
C SER A 257 -5.62 5.04 0.82
N ASP A 258 -4.72 5.39 -0.10
CA ASP A 258 -4.79 6.72 -0.69
C ASP A 258 -5.83 6.81 -1.80
N ALA A 259 -6.38 5.67 -2.21
CA ALA A 259 -7.40 5.64 -3.26
C ALA A 259 -8.71 5.07 -2.73
N ALA A 260 -8.86 5.00 -1.42
CA ALA A 260 -10.06 4.44 -0.81
C ALA A 260 -10.83 5.43 0.06
N THR A 261 -10.58 6.72 -0.15
CA THR A 261 -11.23 7.75 0.65
C THR A 261 -12.69 8.02 0.27
N LYS A 262 -13.31 7.07 -0.40
CA LYS A 262 -14.72 7.22 -0.81
C LYS A 262 -15.57 5.99 -0.50
N GLN A 263 -14.98 5.02 0.21
CA GLN A 263 -15.67 3.78 0.56
C GLN A 263 -16.60 3.89 1.76
N GLU A 264 -17.62 3.04 1.77
CA GLU A 264 -18.58 3.00 2.87
C GLU A 264 -18.32 1.69 3.59
N GLY A 265 -19.02 1.46 4.70
CA GLY A 265 -18.82 0.23 5.46
C GLY A 265 -17.39 0.05 5.91
N MET A 266 -16.78 1.13 6.37
CA MET A 266 -15.39 1.09 6.82
C MET A 266 -15.31 1.04 8.35
N GLU A 267 -16.46 1.07 9.01
CA GLU A 267 -16.54 1.04 10.47
C GLU A 267 -15.62 -0.03 11.07
N GLY A 268 -15.80 -1.26 10.61
CA GLY A 268 -15.00 -2.37 11.12
C GLY A 268 -13.49 -2.23 10.94
N LEU A 269 -13.07 -1.82 9.75
CA LEU A 269 -11.65 -1.64 9.46
C LEU A 269 -11.04 -0.57 10.36
N LEU A 270 -11.69 0.60 10.39
CA LEU A 270 -11.23 1.72 11.20
C LEU A 270 -11.10 1.40 12.69
N GLY A 271 -12.09 0.68 13.21
CA GLY A 271 -12.04 0.31 14.61
C GLY A 271 -10.86 -0.61 14.88
N THR A 272 -10.61 -1.55 13.97
CA THR A 272 -9.51 -2.49 14.12
C THR A 272 -8.17 -1.76 14.02
N LEU A 273 -8.07 -0.82 13.09
CA LEU A 273 -6.82 -0.07 12.93
C LEU A 273 -6.48 0.69 14.22
N VAL A 274 -7.49 1.30 14.83
CA VAL A 274 -7.27 2.03 16.06
C VAL A 274 -6.72 1.11 17.16
N GLN A 275 -7.31 -0.07 17.34
CA GLN A 275 -6.82 -0.98 18.37
C GLN A 275 -5.44 -1.54 18.03
N LEU A 276 -5.11 -1.61 16.74
CA LEU A 276 -3.80 -2.09 16.32
C LEU A 276 -2.69 -1.13 16.71
N LEU A 277 -3.05 0.11 17.06
CA LEU A 277 -2.05 1.09 17.47
C LEU A 277 -1.43 0.71 18.83
N GLY A 278 -2.12 -0.15 19.58
CA GLY A 278 -1.60 -0.56 20.87
C GLY A 278 -0.85 -1.88 20.82
N SER A 279 -0.47 -2.30 19.61
CA SER A 279 0.24 -3.55 19.39
C SER A 279 1.69 -3.55 19.90
N ASP A 280 2.17 -4.73 20.27
CA ASP A 280 3.54 -4.87 20.75
C ASP A 280 4.52 -4.81 19.58
N ASP A 281 4.01 -5.10 18.38
CA ASP A 281 4.84 -5.10 17.17
C ASP A 281 4.93 -3.71 16.56
N ILE A 282 6.12 -3.11 16.63
CA ILE A 282 6.35 -1.76 16.10
C ILE A 282 5.90 -1.62 14.65
N ASN A 283 6.15 -2.66 13.85
CA ASN A 283 5.78 -2.65 12.44
C ASN A 283 4.28 -2.60 12.19
N VAL A 284 3.50 -3.19 13.09
CA VAL A 284 2.05 -3.16 12.95
C VAL A 284 1.58 -1.74 13.29
N VAL A 285 2.13 -1.18 14.36
CA VAL A 285 1.78 0.18 14.80
C VAL A 285 2.04 1.20 13.69
N THR A 286 3.24 1.12 13.10
CA THR A 286 3.65 2.02 12.03
C THR A 286 2.66 2.01 10.86
N CYS A 287 2.38 0.81 10.34
CA CYS A 287 1.44 0.65 9.23
C CYS A 287 0.05 1.16 9.60
N ALA A 288 -0.42 0.79 10.79
CA ALA A 288 -1.73 1.21 11.25
C ALA A 288 -1.85 2.73 11.26
N ALA A 289 -0.81 3.41 11.74
CA ALA A 289 -0.85 4.87 11.77
C ALA A 289 -0.85 5.38 10.34
N GLY A 290 -0.05 4.74 9.49
CA GLY A 290 0.02 5.14 8.09
C GLY A 290 -1.35 5.04 7.40
N ILE A 291 -2.02 3.91 7.58
CA ILE A 291 -3.33 3.69 6.97
C ILE A 291 -4.38 4.66 7.49
N LEU A 292 -4.38 4.92 8.79
CA LEU A 292 -5.36 5.85 9.38
C LEU A 292 -5.14 7.27 8.88
N SER A 293 -3.89 7.62 8.63
CA SER A 293 -3.57 8.94 8.13
C SER A 293 -4.23 9.13 6.75
N ASN A 294 -4.04 8.19 5.84
CA ASN A 294 -4.65 8.29 4.51
C ASN A 294 -6.19 8.14 4.49
N LEU A 295 -6.76 7.33 5.38
CA LEU A 295 -8.21 7.18 5.37
C LEU A 295 -8.95 8.37 5.98
N THR A 296 -8.26 9.16 6.81
CA THR A 296 -8.92 10.30 7.42
C THR A 296 -8.60 11.61 6.67
N CYS A 297 -7.94 11.49 5.53
CA CYS A 297 -7.61 12.66 4.75
C CYS A 297 -8.81 13.02 3.86
N ASN A 298 -9.40 14.19 4.09
CA ASN A 298 -10.54 14.62 3.30
C ASN A 298 -11.78 13.71 3.35
N ASN A 299 -11.99 13.00 4.45
CA ASN A 299 -13.17 12.13 4.57
C ASN A 299 -13.81 12.37 5.93
N TYR A 300 -14.77 13.27 6.00
CA TYR A 300 -15.41 13.59 7.27
C TYR A 300 -16.02 12.39 7.96
N LYS A 301 -16.53 11.44 7.20
CA LYS A 301 -17.13 10.24 7.79
C LYS A 301 -16.08 9.42 8.54
N ASN A 302 -14.97 9.11 7.88
CA ASN A 302 -13.92 8.33 8.51
C ASN A 302 -13.38 9.06 9.74
N LYS A 303 -13.31 10.39 9.66
CA LYS A 303 -12.82 11.20 10.77
C LYS A 303 -13.72 11.03 11.98
N MET A 304 -15.03 11.11 11.76
CA MET A 304 -15.97 10.98 12.86
C MET A 304 -15.89 9.59 13.49
N MET A 305 -15.73 8.56 12.65
CA MET A 305 -15.64 7.19 13.14
C MET A 305 -14.39 6.96 13.99
N VAL A 306 -13.22 7.33 13.48
CA VAL A 306 -11.97 7.15 14.22
C VAL A 306 -12.09 7.84 15.58
N CYS A 307 -12.60 9.06 15.59
CA CYS A 307 -12.76 9.80 16.85
C CYS A 307 -13.70 9.06 17.80
N GLN A 308 -14.76 8.49 17.25
CA GLN A 308 -15.75 7.78 18.04
C GLN A 308 -15.22 6.55 18.77
N VAL A 309 -14.27 5.85 18.16
CA VAL A 309 -13.73 4.67 18.81
C VAL A 309 -12.43 4.91 19.56
N GLY A 310 -12.24 6.15 20.02
CA GLY A 310 -11.05 6.50 20.78
C GLY A 310 -9.78 6.75 19.99
N GLY A 311 -9.91 7.16 18.73
CA GLY A 311 -8.74 7.40 17.90
C GLY A 311 -7.78 8.46 18.43
N ILE A 312 -8.32 9.56 18.97
CA ILE A 312 -7.48 10.62 19.47
C ILE A 312 -6.56 10.15 20.60
N GLU A 313 -7.15 9.48 21.60
CA GLU A 313 -6.34 9.01 22.71
C GLU A 313 -5.28 8.00 22.25
N ALA A 314 -5.69 7.06 21.40
CA ALA A 314 -4.78 6.06 20.87
C ALA A 314 -3.61 6.67 20.07
N LEU A 315 -3.88 7.72 19.30
CA LEU A 315 -2.84 8.39 18.49
C LEU A 315 -1.87 9.19 19.37
N VAL A 316 -2.37 9.84 20.42
CA VAL A 316 -1.49 10.58 21.29
C VAL A 316 -0.59 9.57 22.00
N ARG A 317 -1.15 8.41 22.37
CA ARG A 317 -0.36 7.36 23.02
C ARG A 317 0.71 6.85 22.05
N THR A 318 0.34 6.70 20.78
CA THR A 318 1.26 6.25 19.75
C THR A 318 2.44 7.21 19.64
N VAL A 319 2.15 8.51 19.67
CA VAL A 319 3.21 9.51 19.59
C VAL A 319 4.16 9.39 20.78
N LEU A 320 3.60 9.23 21.98
CA LEU A 320 4.40 9.10 23.20
C LEU A 320 5.31 7.89 23.14
N ARG A 321 4.74 6.75 22.75
CA ARG A 321 5.47 5.49 22.64
C ARG A 321 6.54 5.50 21.54
N ALA A 322 6.31 6.23 20.47
CA ALA A 322 7.26 6.25 19.36
C ALA A 322 8.58 6.92 19.68
N GLY A 323 8.56 7.93 20.54
CA GLY A 323 9.78 8.64 20.89
C GLY A 323 10.39 9.35 19.70
N ASP A 324 11.65 9.06 19.39
CA ASP A 324 12.35 9.71 18.27
C ASP A 324 12.19 8.99 16.94
N ARG A 325 11.30 7.99 16.89
CA ARG A 325 11.07 7.24 15.67
C ARG A 325 10.08 7.98 14.77
N GLU A 326 10.62 8.83 13.91
CA GLU A 326 9.82 9.63 13.01
C GLU A 326 8.97 8.89 11.97
N ASP A 327 9.29 7.63 11.70
CA ASP A 327 8.48 6.84 10.76
C ASP A 327 7.12 6.55 11.41
N ILE A 328 7.04 6.73 12.73
CA ILE A 328 5.79 6.49 13.42
C ILE A 328 5.07 7.79 13.81
N THR A 329 5.82 8.78 14.29
CA THR A 329 5.19 10.03 14.71
C THR A 329 4.65 10.87 13.56
N GLU A 330 5.34 10.85 12.42
CA GLU A 330 4.91 11.62 11.28
C GLU A 330 3.48 11.26 10.84
N PRO A 331 3.21 9.98 10.54
CA PRO A 331 1.84 9.62 10.13
C PRO A 331 0.81 9.75 11.28
N ALA A 332 1.25 9.51 12.51
CA ALA A 332 0.34 9.61 13.66
C ALA A 332 -0.02 11.07 13.85
N ILE A 333 0.97 11.94 13.72
CA ILE A 333 0.71 13.37 13.86
C ILE A 333 -0.14 13.84 12.68
N CYS A 334 0.07 13.27 11.49
CA CYS A 334 -0.73 13.68 10.33
C CYS A 334 -2.19 13.27 10.55
N ALA A 335 -2.42 12.08 11.08
CA ALA A 335 -3.77 11.60 11.35
C ALA A 335 -4.43 12.57 12.32
N LEU A 336 -3.73 12.90 13.41
CA LEU A 336 -4.26 13.85 14.38
C LEU A 336 -4.63 15.19 13.72
N ARG A 337 -3.86 15.62 12.73
CA ARG A 337 -4.13 16.88 12.03
C ARG A 337 -5.45 16.75 11.28
N HIS A 338 -5.63 15.64 10.57
CA HIS A 338 -6.86 15.38 9.83
C HIS A 338 -8.07 15.34 10.78
N LEU A 339 -7.90 14.73 11.94
CA LEU A 339 -8.98 14.58 12.92
C LEU A 339 -9.34 15.85 13.67
N THR A 340 -8.51 16.89 13.59
CA THR A 340 -8.80 18.10 14.33
C THR A 340 -9.37 19.24 13.53
N SER A 341 -9.91 18.94 12.36
CA SER A 341 -10.55 19.96 11.54
C SER A 341 -11.58 19.41 10.54
N ARG A 342 -12.46 20.30 10.11
CA ARG A 342 -13.49 20.01 9.11
C ARG A 342 -14.35 18.75 9.26
N HIS A 343 -15.03 18.62 10.38
CA HIS A 343 -15.94 17.52 10.59
C HIS A 343 -16.69 17.78 11.89
N GLN A 344 -17.85 17.15 12.04
CA GLN A 344 -18.69 17.36 13.21
C GLN A 344 -18.01 17.29 14.57
N GLU A 345 -17.14 16.31 14.77
CA GLU A 345 -16.47 16.18 16.07
C GLU A 345 -15.08 16.82 16.17
N ALA A 346 -14.72 17.67 15.21
CA ALA A 346 -13.42 18.32 15.23
C ALA A 346 -13.14 19.02 16.54
N GLU A 347 -14.13 19.70 17.07
CA GLU A 347 -13.98 20.43 18.33
C GLU A 347 -13.71 19.48 19.49
N MET A 348 -14.36 18.33 19.48
CA MET A 348 -14.17 17.33 20.53
C MET A 348 -12.74 16.79 20.44
N ALA A 349 -12.28 16.60 19.20
CA ALA A 349 -10.93 16.09 18.95
C ALA A 349 -9.89 17.08 19.45
N GLN A 350 -10.11 18.37 19.16
CA GLN A 350 -9.18 19.40 19.58
C GLN A 350 -9.04 19.46 21.10
N ASN A 351 -10.14 19.22 21.79
CA ASN A 351 -10.14 19.24 23.25
C ASN A 351 -9.51 17.97 23.80
N ALA A 352 -9.84 16.84 23.20
CA ALA A 352 -9.32 15.56 23.64
C ALA A 352 -7.79 15.51 23.61
N VAL A 353 -7.18 16.16 22.62
CA VAL A 353 -5.73 16.16 22.56
C VAL A 353 -5.19 16.81 23.83
N ARG A 354 -5.80 17.92 24.25
CA ARG A 354 -5.38 18.61 25.46
C ARG A 354 -5.68 17.76 26.71
N LEU A 355 -6.87 17.16 26.74
CA LEU A 355 -7.27 16.35 27.89
C LEU A 355 -6.42 15.10 28.07
N HIS A 356 -5.82 14.62 26.98
CA HIS A 356 -4.97 13.44 27.06
C HIS A 356 -3.48 13.77 27.10
N TYR A 357 -3.19 14.96 27.63
CA TYR A 357 -1.82 15.44 27.80
C TYR A 357 -1.01 15.43 26.51
N GLY A 358 -1.61 15.87 25.42
CA GLY A 358 -0.90 15.89 24.16
C GLY A 358 -0.23 17.20 23.78
N LEU A 359 -0.68 18.31 24.34
CA LEU A 359 -0.08 19.59 23.99
C LEU A 359 1.41 19.67 24.26
N PRO A 360 1.87 19.21 25.43
CA PRO A 360 3.32 19.28 25.67
C PRO A 360 4.14 18.48 24.65
N VAL A 361 3.75 17.23 24.42
CA VAL A 361 4.47 16.39 23.49
C VAL A 361 4.43 16.98 22.07
N VAL A 362 3.29 17.51 21.66
CA VAL A 362 3.17 18.09 20.34
C VAL A 362 4.09 19.30 20.11
N VAL A 363 4.19 20.17 21.09
CA VAL A 363 5.04 21.34 20.94
C VAL A 363 6.52 20.94 20.93
N LYS A 364 6.88 19.93 21.73
CA LYS A 364 8.26 19.47 21.79
C LYS A 364 8.72 18.91 20.44
N LEU A 365 7.80 18.34 19.67
CA LEU A 365 8.15 17.77 18.38
C LEU A 365 8.67 18.83 17.41
N LEU A 366 8.41 20.09 17.70
CA LEU A 366 8.88 21.19 16.86
C LEU A 366 10.39 21.36 17.02
N HIS A 367 10.94 20.80 18.10
CA HIS A 367 12.37 20.94 18.39
C HIS A 367 13.25 19.78 17.91
N PRO A 368 14.56 20.02 17.80
CA PRO A 368 15.41 18.91 17.36
C PRO A 368 15.27 17.84 18.46
N PRO A 369 15.60 16.58 18.14
CA PRO A 369 16.07 16.05 16.87
C PRO A 369 15.05 15.79 15.76
N SER A 370 13.92 16.50 15.75
CA SER A 370 12.92 16.31 14.70
C SER A 370 13.45 16.82 13.36
N HIS A 371 13.15 16.13 12.28
CA HIS A 371 13.55 16.56 10.95
C HIS A 371 12.39 17.34 10.34
N TRP A 372 12.59 17.94 9.16
CA TRP A 372 11.54 18.75 8.54
C TRP A 372 10.18 18.13 8.23
N PRO A 373 10.14 16.91 7.70
CA PRO A 373 8.77 16.42 7.43
C PRO A 373 7.89 16.33 8.69
N LEU A 374 8.43 15.81 9.79
CA LEU A 374 7.66 15.72 11.04
C LEU A 374 7.31 17.13 11.51
N ILE A 375 8.26 18.06 11.41
CA ILE A 375 8.03 19.43 11.84
C ILE A 375 6.87 20.05 11.04
N LYS A 376 6.86 19.82 9.74
CA LYS A 376 5.82 20.35 8.86
C LYS A 376 4.44 19.82 9.29
N ALA A 377 4.35 18.52 9.57
CA ALA A 377 3.10 17.93 10.00
C ALA A 377 2.66 18.49 11.35
N THR A 378 3.63 18.68 12.26
CA THR A 378 3.33 19.19 13.59
C THR A 378 2.83 20.64 13.61
N VAL A 379 3.40 21.49 12.76
CA VAL A 379 2.96 22.86 12.67
C VAL A 379 1.46 22.89 12.26
N GLY A 380 1.09 22.02 11.32
CA GLY A 380 -0.28 21.95 10.86
C GLY A 380 -1.22 21.51 11.98
N LEU A 381 -0.80 20.53 12.79
CA LEU A 381 -1.63 20.09 13.89
C LEU A 381 -1.82 21.25 14.88
N ILE A 382 -0.75 21.94 15.20
CA ILE A 382 -0.82 23.08 16.11
C ILE A 382 -1.81 24.13 15.61
N ARG A 383 -1.84 24.36 14.30
CA ARG A 383 -2.77 25.32 13.72
C ARG A 383 -4.22 24.88 14.01
N ASN A 384 -4.50 23.59 13.86
CA ASN A 384 -5.84 23.08 14.11
C ASN A 384 -6.16 23.13 15.61
N LEU A 385 -5.21 22.74 16.45
CA LEU A 385 -5.42 22.74 17.89
C LEU A 385 -5.75 24.14 18.36
N ALA A 386 -5.15 25.13 17.70
CA ALA A 386 -5.40 26.52 18.06
C ALA A 386 -6.80 27.02 17.69
N LEU A 387 -7.58 26.21 16.98
CA LEU A 387 -8.94 26.65 16.65
C LEU A 387 -9.81 26.59 17.92
N CYS A 388 -9.36 25.84 18.93
CA CYS A 388 -10.06 25.68 20.20
C CYS A 388 -9.50 26.68 21.19
N PRO A 389 -10.30 27.69 21.58
CA PRO A 389 -9.82 28.71 22.53
C PRO A 389 -9.18 28.17 23.82
N ALA A 390 -9.66 27.03 24.31
CA ALA A 390 -9.11 26.45 25.54
C ALA A 390 -7.65 25.98 25.36
N ASN A 391 -7.18 25.89 24.11
CA ASN A 391 -5.81 25.46 23.88
C ASN A 391 -4.80 26.60 23.78
N HIS A 392 -5.29 27.84 23.72
CA HIS A 392 -4.41 29.01 23.62
C HIS A 392 -3.40 29.17 24.77
N ALA A 393 -3.90 29.24 26.01
CA ALA A 393 -3.01 29.41 27.14
C ALA A 393 -1.99 28.28 27.26
N PRO A 394 -2.47 27.02 27.18
CA PRO A 394 -1.55 25.88 27.29
C PRO A 394 -0.52 25.88 26.16
N LEU A 395 -0.96 26.13 24.94
CA LEU A 395 -0.03 26.16 23.80
C LEU A 395 1.02 27.24 24.05
N ARG A 396 0.60 28.38 24.58
CA ARG A 396 1.51 29.49 24.87
C ARG A 396 2.48 29.14 26.02
N GLU A 397 1.97 28.43 27.03
CA GLU A 397 2.78 28.03 28.18
C GLU A 397 3.92 27.11 27.77
N GLN A 398 3.70 26.30 26.74
CA GLN A 398 4.71 25.35 26.26
C GLN A 398 5.76 25.97 25.33
N GLY A 399 5.66 27.28 25.09
CA GLY A 399 6.62 27.96 24.23
C GLY A 399 6.40 27.82 22.73
N ALA A 400 5.18 27.47 22.33
CA ALA A 400 4.87 27.29 20.91
C ALA A 400 5.16 28.50 20.00
N ILE A 401 4.75 29.68 20.44
CA ILE A 401 4.93 30.90 19.64
C ILE A 401 6.39 31.22 19.27
N PRO A 402 7.30 31.25 20.27
CA PRO A 402 8.71 31.54 20.01
C PRO A 402 9.34 30.54 19.05
N ARG A 403 9.01 29.26 19.21
CA ARG A 403 9.55 28.22 18.34
C ARG A 403 8.96 28.36 16.92
N LEU A 404 7.67 28.65 16.82
CA LEU A 404 7.05 28.84 15.50
C LEU A 404 7.68 30.02 14.77
N VAL A 405 7.90 31.12 15.49
CA VAL A 405 8.50 32.31 14.90
C VAL A 405 9.93 32.00 14.47
N GLN A 406 10.67 31.31 15.33
CA GLN A 406 12.05 30.92 15.04
C GLN A 406 12.09 30.04 13.78
N LEU A 407 11.17 29.09 13.69
CA LEU A 407 11.12 28.24 12.51
C LEU A 407 10.79 29.09 11.28
N LEU A 408 9.87 30.03 11.46
CA LEU A 408 9.48 30.89 10.35
C LEU A 408 10.65 31.71 9.81
N VAL A 409 11.44 32.26 10.72
CA VAL A 409 12.58 33.08 10.34
C VAL A 409 13.64 32.29 9.58
N ARG A 410 13.92 31.07 10.03
CA ARG A 410 14.91 30.22 9.37
C ARG A 410 14.50 29.88 7.94
N ALA A 411 13.28 29.35 7.81
CA ALA A 411 12.75 28.95 6.50
C ALA A 411 12.68 30.12 5.53
N HIS A 412 12.32 31.30 6.03
CA HIS A 412 12.22 32.47 5.15
C HIS A 412 13.60 32.87 4.63
N GLN A 413 14.59 32.84 5.51
CA GLN A 413 15.96 33.20 5.11
C GLN A 413 16.49 32.23 4.06
N ASP A 414 16.20 30.95 4.24
CA ASP A 414 16.65 29.94 3.29
C ASP A 414 16.05 30.19 1.91
N THR A 415 14.80 30.64 1.86
CA THR A 415 14.17 30.92 0.58
C THR A 415 14.79 32.17 -0.02
N GLN A 416 15.43 32.98 0.83
CA GLN A 416 16.08 34.22 0.41
C GLN A 416 17.46 33.92 -0.18
N ARG A 417 18.06 32.84 0.29
CA ARG A 417 19.38 32.42 -0.19
C ARG A 417 19.20 31.54 -1.41
N ARG A 418 17.99 31.56 -1.95
CA ARG A 418 17.64 30.79 -3.12
C ARG A 418 16.91 31.68 -4.13
N THR A 419 16.67 32.92 -3.72
CA THR A 419 16.01 33.89 -4.58
C THR A 419 17.09 34.28 -5.59
N SER A 420 18.31 33.85 -5.27
CA SER A 420 19.48 34.09 -6.11
C SER A 420 19.56 32.91 -7.08
N MET A 421 19.96 31.75 -6.57
CA MET A 421 20.07 30.53 -7.37
C MET A 421 20.81 29.39 -6.70
N GLY A 422 20.04 28.45 -6.15
CA GLY A 422 20.63 27.29 -5.52
C GLY A 422 20.55 26.18 -6.55
N GLY A 423 19.51 26.26 -7.38
CA GLY A 423 19.29 25.29 -8.43
C GLY A 423 18.16 25.78 -9.34
N THR A 424 16.95 25.84 -8.78
CA THR A 424 15.78 26.30 -9.53
C THR A 424 15.00 27.28 -8.67
N GLN A 425 13.76 27.57 -9.07
CA GLN A 425 12.91 28.49 -8.31
C GLN A 425 13.09 28.19 -6.83
N GLN A 426 12.81 26.94 -6.47
CA GLN A 426 12.94 26.47 -5.09
C GLN A 426 12.83 24.94 -4.98
N GLN A 427 13.85 24.31 -4.41
CA GLN A 427 13.86 22.87 -4.25
C GLN A 427 13.55 22.46 -2.81
N PHE A 428 13.98 21.26 -2.41
CA PHE A 428 13.69 20.74 -1.08
C PHE A 428 14.88 20.60 -0.14
N VAL A 429 14.56 20.36 1.12
CA VAL A 429 15.53 20.14 2.18
C VAL A 429 14.92 19.05 3.05
N GLU A 430 15.46 17.84 2.96
CA GLU A 430 14.94 16.70 3.71
C GLU A 430 13.55 16.36 3.18
N GLY A 431 13.31 16.70 1.91
CA GLY A 431 12.02 16.40 1.30
C GLY A 431 10.96 17.45 1.48
N VAL A 432 11.33 18.61 2.01
CA VAL A 432 10.37 19.68 2.24
C VAL A 432 10.83 21.03 1.70
N ARG A 433 9.93 21.72 1.00
CA ARG A 433 10.25 23.04 0.47
C ARG A 433 10.05 24.01 1.62
N MET A 434 11.05 24.85 1.87
CA MET A 434 10.97 25.83 2.95
C MET A 434 9.77 26.78 2.82
N GLU A 435 9.27 26.96 1.60
CA GLU A 435 8.12 27.83 1.37
C GLU A 435 6.91 27.26 2.12
N GLU A 436 6.88 25.93 2.27
CA GLU A 436 5.78 25.28 2.98
C GLU A 436 5.88 25.51 4.48
N ILE A 437 7.10 25.62 5.00
CA ILE A 437 7.29 25.87 6.44
C ILE A 437 6.92 27.34 6.69
N VAL A 438 7.25 28.21 5.74
CA VAL A 438 6.91 29.61 5.87
C VAL A 438 5.38 29.75 5.95
N GLU A 439 4.69 29.07 5.03
CA GLU A 439 3.24 29.09 4.98
C GLU A 439 2.60 28.45 6.22
N GLY A 440 3.09 27.26 6.58
CA GLY A 440 2.56 26.56 7.74
C GLY A 440 2.69 27.34 9.05
N CYS A 441 3.88 27.88 9.30
CA CYS A 441 4.10 28.63 10.53
C CYS A 441 3.27 29.90 10.59
N THR A 442 3.23 30.64 9.48
CA THR A 442 2.47 31.88 9.46
C THR A 442 0.99 31.54 9.66
N GLY A 443 0.55 30.41 9.09
CA GLY A 443 -0.82 29.98 9.23
C GLY A 443 -1.16 29.60 10.66
N ALA A 444 -0.18 29.04 11.38
CA ALA A 444 -0.40 28.66 12.77
C ALA A 444 -0.49 29.93 13.61
N LEU A 445 0.38 30.89 13.31
CA LEU A 445 0.39 32.14 14.05
C LEU A 445 -0.88 32.97 13.82
N HIS A 446 -1.45 32.85 12.62
CA HIS A 446 -2.69 33.55 12.26
C HIS A 446 -3.81 33.11 13.22
N ILE A 447 -3.96 31.80 13.39
CA ILE A 447 -5.01 31.27 14.27
C ILE A 447 -4.72 31.61 15.73
N LEU A 448 -3.47 31.39 16.16
CA LEU A 448 -3.07 31.67 17.53
C LEU A 448 -3.27 33.15 17.89
N ALA A 449 -3.09 34.03 16.90
CA ALA A 449 -3.24 35.46 17.12
C ALA A 449 -4.67 35.90 17.44
N ARG A 450 -5.60 34.95 17.52
CA ARG A 450 -6.97 35.30 17.86
C ARG A 450 -7.04 35.64 19.36
N ASP A 451 -6.01 35.21 20.09
CA ASP A 451 -5.94 35.43 21.54
C ASP A 451 -5.15 36.70 21.85
N VAL A 452 -5.68 37.53 22.74
CA VAL A 452 -5.03 38.79 23.07
C VAL A 452 -3.64 38.57 23.66
N HIS A 453 -3.51 37.60 24.56
CA HIS A 453 -2.20 37.35 25.15
C HIS A 453 -1.20 36.85 24.12
N ASN A 454 -1.64 35.99 23.21
CA ASN A 454 -0.74 35.48 22.18
C ASN A 454 -0.27 36.64 21.29
N ARG A 455 -1.17 37.58 21.01
CA ARG A 455 -0.81 38.73 20.17
C ARG A 455 0.32 39.55 20.79
N ILE A 456 0.27 39.71 22.11
CA ILE A 456 1.32 40.46 22.81
C ILE A 456 2.66 39.77 22.62
N VAL A 457 2.67 38.45 22.72
CA VAL A 457 3.91 37.67 22.55
C VAL A 457 4.40 37.78 21.10
N ILE A 458 3.50 37.52 20.16
CA ILE A 458 3.84 37.58 18.74
C ILE A 458 4.41 38.96 18.38
N ARG A 459 3.73 40.02 18.79
CA ARG A 459 4.20 41.37 18.50
C ARG A 459 5.54 41.65 19.20
N GLY A 460 5.66 41.20 20.44
CA GLY A 460 6.88 41.39 21.20
C GLY A 460 8.14 40.81 20.57
N LEU A 461 7.99 39.79 19.72
CA LEU A 461 9.14 39.18 19.07
C LEU A 461 9.50 39.94 17.78
N ASN A 462 8.89 41.10 17.58
CA ASN A 462 9.19 41.93 16.41
C ASN A 462 8.94 41.21 15.08
N THR A 463 7.74 40.67 14.91
CA THR A 463 7.38 39.92 13.70
C THR A 463 6.65 40.72 12.62
N ILE A 464 6.12 41.87 13.00
CA ILE A 464 5.36 42.68 12.05
C ILE A 464 6.13 43.00 10.76
N PRO A 465 7.41 43.39 10.87
CA PRO A 465 8.16 43.69 9.65
C PRO A 465 8.21 42.48 8.71
N LEU A 466 8.46 41.31 9.25
CA LEU A 466 8.51 40.11 8.42
C LEU A 466 7.14 39.82 7.78
N PHE A 467 6.08 39.83 8.59
CA PHE A 467 4.74 39.57 8.06
C PHE A 467 4.41 40.51 6.89
N VAL A 468 4.78 41.77 7.00
CA VAL A 468 4.52 42.72 5.91
C VAL A 468 5.28 42.33 4.64
N GLN A 469 6.56 41.97 4.78
CA GLN A 469 7.33 41.59 3.61
C GLN A 469 6.75 40.33 2.97
N LEU A 470 6.13 39.47 3.77
CA LEU A 470 5.53 38.26 3.23
C LEU A 470 4.36 38.58 2.31
N LEU A 471 3.83 39.80 2.38
CA LEU A 471 2.74 40.19 1.50
C LEU A 471 3.26 40.27 0.05
N TYR A 472 4.56 40.50 -0.12
CA TYR A 472 5.15 40.60 -1.45
C TYR A 472 5.52 39.22 -2.01
N SER A 473 5.26 38.18 -1.23
CA SER A 473 5.59 36.84 -1.68
C SER A 473 4.84 36.45 -2.95
N PRO A 474 5.54 35.78 -3.88
CA PRO A 474 4.90 35.37 -5.13
C PRO A 474 3.95 34.19 -4.92
N ILE A 475 3.98 33.60 -3.73
CA ILE A 475 3.13 32.47 -3.40
C ILE A 475 1.83 32.97 -2.73
N GLU A 476 0.71 32.77 -3.42
CA GLU A 476 -0.61 33.19 -2.93
C GLU A 476 -0.96 32.73 -1.51
N ASN A 477 -0.75 31.47 -1.21
CA ASN A 477 -1.08 30.94 0.11
C ASN A 477 -0.31 31.66 1.21
N ILE A 478 0.93 32.07 0.92
CA ILE A 478 1.71 32.79 1.91
C ILE A 478 1.17 34.20 2.08
N GLN A 479 0.80 34.84 0.97
CA GLN A 479 0.24 36.19 1.03
C GLN A 479 -1.02 36.16 1.89
N ARG A 480 -1.80 35.09 1.71
CA ARG A 480 -3.03 34.94 2.45
C ARG A 480 -2.85 34.77 3.95
N VAL A 481 -1.98 33.86 4.40
CA VAL A 481 -1.81 33.73 5.85
C VAL A 481 -1.12 34.96 6.46
N ALA A 482 -0.27 35.62 5.69
CA ALA A 482 0.40 36.82 6.21
C ALA A 482 -0.63 37.94 6.42
N ALA A 483 -1.51 38.11 5.44
CA ALA A 483 -2.55 39.13 5.54
C ALA A 483 -3.45 38.75 6.71
N GLY A 484 -3.69 37.46 6.86
CA GLY A 484 -4.53 36.95 7.93
C GLY A 484 -4.01 37.30 9.32
N VAL A 485 -2.74 36.98 9.59
CA VAL A 485 -2.15 37.28 10.88
C VAL A 485 -2.11 38.79 11.12
N LEU A 486 -1.82 39.57 10.08
CA LEU A 486 -1.80 41.03 10.20
C LEU A 486 -3.20 41.58 10.54
N CYS A 487 -4.25 40.95 10.01
CA CYS A 487 -5.62 41.38 10.28
C CYS A 487 -5.93 41.15 11.76
N GLU A 488 -5.57 39.98 12.28
CA GLU A 488 -5.78 39.69 13.69
C GLU A 488 -5.02 40.66 14.60
N LEU A 489 -3.76 40.96 14.24
CA LEU A 489 -2.95 41.86 15.04
C LEU A 489 -3.40 43.31 14.94
N ALA A 490 -4.04 43.66 13.84
CA ALA A 490 -4.49 45.03 13.62
C ALA A 490 -5.57 45.49 14.59
N GLN A 491 -6.19 44.57 15.32
CA GLN A 491 -7.23 44.96 16.26
C GLN A 491 -6.64 45.64 17.49
N ASP A 492 -5.32 45.60 17.63
CA ASP A 492 -4.66 46.29 18.74
C ASP A 492 -4.03 47.52 18.12
N LYS A 493 -4.46 48.70 18.60
CA LYS A 493 -4.00 49.99 18.08
C LYS A 493 -2.50 50.11 17.89
N GLU A 494 -1.74 49.68 18.89
CA GLU A 494 -0.30 49.78 18.83
C GLU A 494 0.27 48.97 17.67
N ALA A 495 -0.28 47.77 17.46
CA ALA A 495 0.16 46.91 16.39
C ALA A 495 -0.30 47.52 15.07
N ALA A 496 -1.49 48.09 15.05
CA ALA A 496 -2.02 48.72 13.84
C ALA A 496 -1.11 49.88 13.36
N GLU A 497 -0.61 50.68 14.30
CA GLU A 497 0.26 51.79 13.95
C GLU A 497 1.59 51.25 13.41
N ALA A 498 2.07 50.16 14.00
CA ALA A 498 3.33 49.57 13.56
C ALA A 498 3.20 49.03 12.13
N ILE A 499 2.07 48.39 11.84
CA ILE A 499 1.86 47.84 10.53
C ILE A 499 1.85 48.95 9.49
N GLU A 500 1.23 50.07 9.84
CA GLU A 500 1.20 51.20 8.90
C GLU A 500 2.59 51.81 8.75
N ALA A 501 3.28 52.02 9.88
CA ALA A 501 4.62 52.62 9.84
C ALA A 501 5.53 51.76 8.98
N GLU A 502 5.21 50.48 8.91
CA GLU A 502 5.99 49.51 8.16
C GLU A 502 5.66 49.57 6.67
N GLY A 503 4.76 50.48 6.28
CA GLY A 503 4.39 50.61 4.88
C GLY A 503 3.52 49.49 4.31
N ALA A 504 2.64 48.93 5.12
CA ALA A 504 1.78 47.85 4.64
C ALA A 504 0.61 48.32 3.79
N THR A 505 0.19 49.57 3.97
CA THR A 505 -0.95 50.08 3.22
C THR A 505 -0.79 49.91 1.71
N ALA A 506 0.37 50.27 1.17
CA ALA A 506 0.58 50.16 -0.28
C ALA A 506 0.40 48.71 -0.76
N PRO A 507 1.18 47.76 -0.23
CA PRO A 507 0.95 46.41 -0.73
C PRO A 507 -0.46 45.84 -0.45
N LEU A 508 -1.03 46.12 0.73
CA LEU A 508 -2.38 45.64 1.01
C LEU A 508 -3.36 46.17 -0.03
N THR A 509 -3.22 47.44 -0.39
CA THR A 509 -4.10 48.06 -1.37
C THR A 509 -4.02 47.36 -2.73
N GLU A 510 -2.84 46.89 -3.10
CA GLU A 510 -2.73 46.18 -4.37
C GLU A 510 -3.35 44.77 -4.27
N LEU A 511 -3.23 44.12 -3.11
CA LEU A 511 -3.80 42.80 -2.91
C LEU A 511 -5.33 42.78 -3.00
N LEU A 512 -5.93 43.96 -2.95
CA LEU A 512 -7.38 44.05 -3.07
C LEU A 512 -7.77 43.49 -4.45
N HIS A 513 -6.82 43.49 -5.39
CA HIS A 513 -7.08 42.99 -6.74
C HIS A 513 -6.57 41.58 -6.97
N SER A 514 -6.14 40.91 -5.92
CA SER A 514 -5.62 39.55 -6.06
C SER A 514 -6.62 38.65 -6.75
N ARG A 515 -6.13 37.69 -7.56
CA ARG A 515 -6.98 36.73 -8.24
C ARG A 515 -7.46 35.68 -7.22
N ASN A 516 -6.84 35.68 -6.04
CA ASN A 516 -7.21 34.73 -4.98
C ASN A 516 -8.18 35.44 -4.01
N GLU A 517 -9.42 34.94 -3.92
CA GLU A 517 -10.45 35.57 -3.06
C GLU A 517 -10.00 35.65 -1.60
N GLY A 518 -9.34 34.59 -1.14
CA GLY A 518 -8.84 34.58 0.23
C GLY A 518 -7.91 35.75 0.46
N VAL A 519 -6.96 35.95 -0.46
CA VAL A 519 -6.00 37.04 -0.34
C VAL A 519 -6.67 38.41 -0.36
N ALA A 520 -7.60 38.59 -1.30
CA ALA A 520 -8.29 39.88 -1.43
C ALA A 520 -9.13 40.21 -0.19
N THR A 521 -9.76 39.19 0.38
CA THR A 521 -10.59 39.37 1.57
C THR A 521 -9.76 39.74 2.80
N TYR A 522 -8.70 38.99 3.09
CA TYR A 522 -7.89 39.31 4.25
C TYR A 522 -7.25 40.68 4.10
N ALA A 523 -6.76 40.99 2.90
CA ALA A 523 -6.13 42.29 2.67
C ALA A 523 -7.12 43.40 3.02
N ALA A 524 -8.34 43.27 2.52
CA ALA A 524 -9.39 44.26 2.76
C ALA A 524 -9.71 44.34 4.26
N ALA A 525 -9.75 43.19 4.93
CA ALA A 525 -10.03 43.13 6.37
C ALA A 525 -8.96 43.88 7.17
N VAL A 526 -7.70 43.77 6.74
CA VAL A 526 -6.64 44.47 7.44
C VAL A 526 -6.85 45.98 7.31
N LEU A 527 -7.17 46.41 6.09
CA LEU A 527 -7.38 47.85 5.83
C LEU A 527 -8.58 48.40 6.59
N PHE A 528 -9.66 47.63 6.68
CA PHE A 528 -10.84 48.10 7.39
C PHE A 528 -10.52 48.23 8.88
N ARG A 529 -9.90 47.19 9.44
CA ARG A 529 -9.52 47.18 10.85
C ARG A 529 -8.63 48.40 11.15
N MET A 530 -7.75 48.74 10.21
CA MET A 530 -6.83 49.87 10.38
C MET A 530 -7.49 51.23 10.18
N SER A 531 -8.57 51.27 9.41
CA SER A 531 -9.27 52.52 9.15
C SER A 531 -10.14 52.95 10.31
N GLU A 532 -11.16 52.16 10.62
CA GLU A 532 -12.05 52.48 11.72
C GLU A 532 -11.49 52.03 13.06
N ASP A 533 -10.61 52.87 13.62
CA ASP A 533 -9.99 52.60 14.91
C ASP A 533 -10.64 53.49 15.97
N GLU B 32 -6.82 -46.06 -5.87
CA GLU B 32 -6.40 -46.12 -4.44
C GLU B 32 -6.09 -44.73 -3.88
N GLU B 33 -4.98 -44.16 -4.32
CA GLU B 33 -4.58 -42.84 -3.86
C GLU B 33 -5.51 -41.74 -4.35
N ASN B 34 -6.01 -40.96 -3.40
CA ASN B 34 -6.91 -39.86 -3.69
C ASN B 34 -6.19 -38.76 -4.48
N PRO B 35 -6.72 -38.40 -5.67
CA PRO B 35 -6.11 -37.37 -6.49
C PRO B 35 -5.99 -36.01 -5.82
N GLU B 36 -6.12 -35.98 -4.49
CA GLU B 36 -6.00 -34.74 -3.74
C GLU B 36 -4.69 -34.76 -2.98
N SER B 37 -4.06 -35.94 -2.92
CA SER B 37 -2.79 -36.10 -2.23
C SER B 37 -1.70 -35.42 -3.06
N ILE B 38 -1.98 -35.25 -4.36
CA ILE B 38 -1.04 -34.61 -5.27
C ILE B 38 -0.79 -33.18 -4.78
N LEU B 39 -1.87 -32.48 -4.43
CA LEU B 39 -1.78 -31.12 -3.93
C LEU B 39 -1.17 -31.13 -2.53
N ASP B 40 -1.73 -31.95 -1.65
CA ASP B 40 -1.25 -32.06 -0.28
C ASP B 40 0.26 -32.27 -0.22
N GLU B 41 0.76 -33.12 -1.10
CA GLU B 41 2.19 -33.41 -1.16
C GLU B 41 2.97 -32.20 -1.67
N HIS B 42 2.48 -31.61 -2.77
CA HIS B 42 3.11 -30.44 -3.36
C HIS B 42 3.26 -29.33 -2.32
N VAL B 43 2.14 -28.98 -1.70
CA VAL B 43 2.13 -27.94 -0.68
C VAL B 43 3.14 -28.29 0.42
N GLN B 44 3.26 -29.58 0.72
CA GLN B 44 4.18 -30.06 1.73
C GLN B 44 5.64 -29.75 1.44
N ARG B 45 5.98 -29.61 0.16
CA ARG B 45 7.35 -29.33 -0.23
C ARG B 45 7.68 -27.91 -0.69
N VAL B 46 6.83 -27.30 -1.51
CA VAL B 46 7.08 -25.94 -2.00
C VAL B 46 7.17 -24.93 -0.86
N MET B 47 6.28 -25.03 0.12
CA MET B 47 6.30 -24.13 1.26
C MET B 47 6.33 -24.95 2.55
N LYS B 48 5.25 -24.89 3.32
CA LYS B 48 5.17 -25.65 4.56
C LYS B 48 4.24 -26.85 4.40
#